data_3AZ1
#
_entry.id   3AZ1
#
_cell.length_a   44.613
_cell.length_b   51.732
_cell.length_c   131.579
_cell.angle_alpha   90.000
_cell.angle_beta   90.000
_cell.angle_gamma   90.000
#
_symmetry.space_group_name_H-M   'P 21 21 21'
#
loop_
_entity.id
_entity.type
_entity.pdbx_description
1 polymer 'Vitamin D3 receptor'
2 non-polymer '{4-[3-(4-{[(2R)-2-hydroxy-3,3-dimethylbutyl]oxy}-3-methylphenyl)pentan-3-yl]-2-methylphenoxy}acetic acid'
3 water water
#
_entity_poly.entity_id   1
_entity_poly.type   'polypeptide(L)'
_entity_poly.pdbx_seq_one_letter_code
;LRPKLSEEQQRIIAILLDAHHKTYDPTYSDFCQFRPPVRVNDGGGSVTLELSQLSMLPHLADLVSYSIQKVIGFAKMIPG
FRDLTSEDQIVLLKSSAIEVIMLRSNESFTMDDMSWTCGNQDYKYRVSDVTKAGHSLELIEPLIKFQVGLKKLNLHEEEH
VLLMAICIVSPDRPGVQDAALIEAIQDRLSNTLQTYIRCRHPPPGSHLLYAKMIQKLADLRSLNEEHSKQYRCLSFQPEC
SMKLTPLVLEVFG
;
_entity_poly.pdbx_strand_id   A
#
# COMPACT_ATOMS: atom_id res chain seq x y z
N LEU A 1 13.01 26.94 -13.01
CA LEU A 1 13.74 26.08 -13.94
C LEU A 1 13.01 24.75 -14.12
N ARG A 2 12.98 24.27 -15.36
CA ARG A 2 12.35 22.99 -15.69
C ARG A 2 13.31 22.09 -16.46
N PRO A 3 14.38 21.56 -15.81
CA PRO A 3 15.30 20.68 -16.52
C PRO A 3 14.57 19.47 -17.09
N LYS A 4 15.05 19.00 -18.23
CA LYS A 4 14.47 17.86 -18.91
C LYS A 4 14.89 16.63 -18.15
N LEU A 5 14.09 15.57 -18.24
CA LEU A 5 14.42 14.30 -17.64
C LEU A 5 15.67 13.79 -18.32
N SER A 6 16.64 13.33 -17.54
CA SER A 6 17.87 12.77 -18.05
C SER A 6 17.56 11.39 -18.66
N GLU A 7 18.51 10.81 -19.40
CA GLU A 7 18.35 9.47 -19.95
C GLU A 7 18.14 8.47 -18.80
N GLU A 8 18.93 8.56 -17.71
CA GLU A 8 18.83 7.70 -16.53
C GLU A 8 17.44 7.81 -15.86
N GLN A 9 16.89 9.03 -15.74
CA GLN A 9 15.58 9.28 -15.14
C GLN A 9 14.45 8.70 -16.00
N GLN A 10 14.58 8.81 -17.33
CA GLN A 10 13.63 8.23 -18.27
C GLN A 10 13.65 6.71 -18.13
N ARG A 11 14.85 6.13 -17.93
CA ARG A 11 15.04 4.70 -17.75
C ARG A 11 14.38 4.25 -16.44
N ILE A 12 14.59 5.02 -15.33
CA ILE A 12 13.98 4.70 -14.02
C ILE A 12 12.46 4.64 -14.17
N ILE A 13 11.85 5.65 -14.83
CA ILE A 13 10.39 5.70 -15.02
C ILE A 13 9.91 4.45 -15.83
N ALA A 14 10.60 4.12 -16.93
CA ALA A 14 10.26 2.94 -17.75
C ALA A 14 10.35 1.64 -16.92
N ILE A 15 11.42 1.50 -16.12
CA ILE A 15 11.63 0.36 -15.25
C ILE A 15 10.49 0.22 -14.23
N LEU A 16 10.12 1.33 -13.59
CA LEU A 16 9.05 1.34 -12.58
C LEU A 16 7.67 1.12 -13.19
N LEU A 17 7.44 1.59 -14.40
CA LEU A 17 6.14 1.35 -15.06
C LEU A 17 6.01 -0.11 -15.38
N ASP A 18 7.09 -0.70 -15.94
CA ASP A 18 7.14 -2.13 -16.28
C ASP A 18 6.96 -2.98 -15.03
N ALA A 19 7.64 -2.62 -13.92
CA ALA A 19 7.55 -3.32 -12.64
C ALA A 19 6.11 -3.33 -12.15
N HIS A 20 5.42 -2.18 -12.20
CA HIS A 20 4.04 -2.10 -11.76
C HIS A 20 3.10 -2.95 -12.66
N HIS A 21 3.31 -2.91 -13.99
CA HIS A 21 2.47 -3.67 -14.94
C HIS A 21 2.62 -5.21 -14.74
N LYS A 22 3.81 -5.65 -14.31
CA LYS A 22 4.07 -7.07 -14.02
C LYS A 22 3.54 -7.51 -12.66
N THR A 23 3.29 -6.56 -11.73
CA THR A 23 2.95 -6.90 -10.34
C THR A 23 1.60 -6.38 -9.90
N TYR A 24 0.84 -5.75 -10.80
CA TYR A 24 -0.49 -5.23 -10.44
C TYR A 24 -1.42 -5.58 -11.58
N ASP A 25 -2.28 -6.55 -11.36
CA ASP A 25 -3.28 -7.02 -12.31
C ASP A 25 -4.53 -6.14 -12.18
N PRO A 26 -4.79 -5.26 -13.17
CA PRO A 26 -5.94 -4.35 -13.06
C PRO A 26 -7.29 -5.03 -13.31
N THR A 27 -7.29 -6.38 -13.51
CA THR A 27 -8.52 -7.16 -13.70
C THR A 27 -8.85 -7.93 -12.43
N TYR A 28 -7.89 -8.00 -11.48
CA TYR A 28 -8.10 -8.69 -10.18
C TYR A 28 -8.51 -10.15 -10.42
N SER A 29 -7.96 -10.78 -11.48
CA SER A 29 -8.30 -12.15 -11.89
C SER A 29 -7.92 -13.27 -10.94
N ASP A 30 -7.03 -13.01 -10.00
CA ASP A 30 -6.57 -13.99 -9.02
C ASP A 30 -7.41 -14.05 -7.75
N PHE A 31 -8.24 -13.03 -7.50
CA PHE A 31 -9.02 -12.87 -6.28
C PHE A 31 -9.96 -14.00 -5.96
N CYS A 32 -10.46 -14.69 -7.00
CA CYS A 32 -11.35 -15.84 -6.82
C CYS A 32 -10.58 -17.03 -6.23
N GLN A 33 -9.24 -16.97 -6.21
CA GLN A 33 -8.43 -18.04 -5.64
C GLN A 33 -8.31 -17.94 -4.10
N PHE A 34 -8.66 -16.77 -3.54
CA PHE A 34 -8.53 -16.57 -2.10
C PHE A 34 -9.67 -17.29 -1.35
N ARG A 35 -9.55 -17.42 -0.01
CA ARG A 35 -10.67 -17.96 0.81
C ARG A 35 -11.82 -17.00 0.62
N PRO A 36 -13.04 -17.51 0.43
CA PRO A 36 -14.12 -16.63 -0.01
C PRO A 36 -14.54 -15.54 0.97
N PRO A 37 -14.98 -14.37 0.45
CA PRO A 37 -15.53 -13.35 1.36
C PRO A 37 -16.82 -13.87 2.00
N VAL A 38 -17.03 -13.52 3.27
CA VAL A 38 -18.24 -13.86 4.03
C VAL A 38 -18.72 -12.57 4.67
N ARG A 39 -19.95 -12.17 4.38
CA ARG A 39 -20.50 -10.92 4.91
C ARG A 39 -21.76 -11.22 5.72
N VAL A 40 -21.64 -11.17 7.05
CA VAL A 40 -22.76 -11.45 7.96
C VAL A 40 -23.50 -10.15 8.33
N ASN A 41 -24.63 -10.29 9.04
CA ASN A 41 -25.41 -9.14 9.48
C ASN A 41 -24.74 -8.47 10.68
N ASP A 42 -24.38 -7.19 10.52
CA ASP A 42 -23.71 -6.38 11.54
C ASP A 42 -23.88 -4.88 11.23
N GLY A 43 -25.10 -4.46 10.92
CA GLY A 43 -25.43 -3.06 10.62
C GLY A 43 -24.94 -2.12 11.70
N GLY A 44 -24.99 -2.60 12.95
CA GLY A 44 -24.58 -1.86 14.14
C GLY A 44 -23.08 -1.74 14.36
N GLY A 45 -22.31 -2.50 13.58
CA GLY A 45 -20.86 -2.53 13.68
C GLY A 45 -20.43 -2.97 15.07
N SER A 46 -21.06 -4.03 15.60
CA SER A 46 -20.78 -4.56 16.94
C SER A 46 -19.37 -5.14 17.02
N VAL A 47 -18.50 -4.54 17.86
CA VAL A 47 -17.10 -4.98 18.07
C VAL A 47 -17.05 -6.47 18.52
N THR A 48 -17.90 -6.83 19.53
CA THR A 48 -17.99 -8.20 20.09
C THR A 48 -18.30 -9.19 19.00
N LEU A 49 -19.34 -8.90 18.20
CA LEU A 49 -19.76 -9.73 17.08
C LEU A 49 -18.68 -9.84 16.02
N GLU A 50 -18.08 -8.70 15.59
CA GLU A 50 -17.01 -8.74 14.56
C GLU A 50 -15.83 -9.57 15.03
N LEU A 51 -15.42 -9.41 16.32
CA LEU A 51 -14.33 -10.19 16.87
C LEU A 51 -14.69 -11.66 17.02
N SER A 52 -15.96 -11.97 17.37
CA SER A 52 -16.39 -13.36 17.48
C SER A 52 -16.48 -14.08 16.14
N GLN A 53 -16.64 -13.34 15.04
CA GLN A 53 -16.80 -13.94 13.73
C GLN A 53 -15.62 -13.73 12.76
N LEU A 54 -15.08 -12.50 12.71
CA LEU A 54 -14.00 -12.10 11.80
C LEU A 54 -14.30 -12.68 10.39
N SER A 55 -15.55 -12.54 9.97
CA SER A 55 -16.08 -13.16 8.75
C SER A 55 -15.31 -12.86 7.47
N MET A 56 -14.85 -11.60 7.33
CA MET A 56 -14.09 -11.15 6.16
C MET A 56 -12.59 -11.32 6.33
N LEU A 57 -12.12 -11.70 7.53
CA LEU A 57 -10.70 -11.83 7.78
C LEU A 57 -9.96 -12.84 6.90
N PRO A 58 -10.42 -14.10 6.66
CA PRO A 58 -9.64 -15.01 5.79
C PRO A 58 -9.46 -14.47 4.36
N HIS A 59 -10.51 -13.87 3.79
CA HIS A 59 -10.47 -13.30 2.43
C HIS A 59 -9.50 -12.10 2.37
N LEU A 60 -9.64 -11.17 3.33
CA LEU A 60 -8.80 -9.96 3.40
C LEU A 60 -7.36 -10.27 3.75
N ALA A 61 -7.13 -11.31 4.60
CA ALA A 61 -5.74 -11.70 4.93
C ALA A 61 -5.10 -12.33 3.66
N ASP A 62 -5.87 -13.12 2.89
CA ASP A 62 -5.35 -13.71 1.63
C ASP A 62 -5.06 -12.60 0.63
N LEU A 63 -5.93 -11.60 0.57
CA LEU A 63 -5.75 -10.45 -0.32
C LEU A 63 -4.51 -9.65 0.08
N VAL A 64 -4.32 -9.40 1.38
CA VAL A 64 -3.14 -8.64 1.85
C VAL A 64 -1.86 -9.48 1.62
N SER A 65 -1.90 -10.77 1.95
CA SER A 65 -0.77 -11.67 1.73
C SER A 65 -0.34 -11.68 0.28
N TYR A 66 -1.31 -11.83 -0.66
CA TYR A 66 -1.06 -11.80 -2.12
C TYR A 66 -0.41 -10.46 -2.51
N SER A 67 -0.96 -9.33 -1.97
CA SER A 67 -0.48 -7.98 -2.27
C SER A 67 0.95 -7.79 -1.76
N ILE A 68 1.30 -8.34 -0.58
CA ILE A 68 2.67 -8.28 -0.04
C ILE A 68 3.63 -8.99 -1.00
N GLN A 69 3.23 -10.16 -1.56
CA GLN A 69 4.08 -10.88 -2.53
C GLN A 69 4.36 -9.99 -3.76
N LYS A 70 3.33 -9.33 -4.26
CA LYS A 70 3.46 -8.44 -5.43
C LYS A 70 4.36 -7.24 -5.13
N VAL A 71 4.24 -6.69 -3.91
CA VAL A 71 5.02 -5.54 -3.42
C VAL A 71 6.49 -5.99 -3.32
N ILE A 72 6.74 -7.21 -2.81
CA ILE A 72 8.12 -7.75 -2.74
C ILE A 72 8.71 -7.77 -4.17
N GLY A 73 7.93 -8.30 -5.14
CA GLY A 73 8.32 -8.34 -6.54
C GLY A 73 8.58 -6.98 -7.14
N PHE A 74 7.71 -6.00 -6.84
CA PHE A 74 7.85 -4.63 -7.38
C PHE A 74 9.16 -4.04 -6.85
N ALA A 75 9.39 -4.19 -5.54
CA ALA A 75 10.55 -3.64 -4.83
C ALA A 75 11.86 -4.14 -5.37
N LYS A 76 11.93 -5.44 -5.73
CA LYS A 76 13.13 -6.04 -6.31
C LYS A 76 13.51 -5.41 -7.65
N MET A 77 12.54 -4.73 -8.32
CA MET A 77 12.74 -4.07 -9.59
C MET A 77 13.02 -2.56 -9.47
N ILE A 78 12.93 -1.99 -8.25
CA ILE A 78 13.25 -0.58 -8.04
C ILE A 78 14.76 -0.40 -8.31
N PRO A 79 15.17 0.51 -9.22
CA PRO A 79 16.60 0.66 -9.50
C PRO A 79 17.34 1.04 -8.23
N GLY A 80 18.33 0.24 -7.89
CA GLY A 80 19.15 0.42 -6.70
C GLY A 80 18.78 -0.47 -5.53
N PHE A 81 17.50 -0.93 -5.45
CA PHE A 81 17.05 -1.75 -4.32
C PHE A 81 17.90 -3.01 -4.09
N ARG A 82 18.32 -3.67 -5.18
CA ARG A 82 19.15 -4.89 -5.13
C ARG A 82 20.58 -4.60 -4.62
N ASP A 83 21.04 -3.32 -4.66
CA ASP A 83 22.35 -2.89 -4.15
C ASP A 83 22.39 -2.87 -2.62
N LEU A 84 21.21 -2.81 -1.97
CA LEU A 84 21.08 -2.84 -0.51
C LEU A 84 21.35 -4.25 -0.02
N THR A 85 21.70 -4.38 1.28
CA THR A 85 21.93 -5.69 1.90
C THR A 85 20.57 -6.36 2.04
N SER A 86 20.57 -7.71 2.14
CA SER A 86 19.38 -8.52 2.35
C SER A 86 18.62 -8.05 3.61
N GLU A 87 19.35 -7.78 4.70
CA GLU A 87 18.80 -7.33 5.98
C GLU A 87 18.03 -6.00 5.80
N ASP A 88 18.62 -5.03 5.09
CA ASP A 88 17.98 -3.73 4.83
C ASP A 88 16.79 -3.85 3.86
N GLN A 89 16.89 -4.73 2.86
CA GLN A 89 15.76 -4.94 1.95
C GLN A 89 14.52 -5.44 2.74
N ILE A 90 14.73 -6.38 3.67
CA ILE A 90 13.67 -6.96 4.50
C ILE A 90 13.11 -5.97 5.50
N VAL A 91 13.98 -5.17 6.13
CA VAL A 91 13.52 -4.11 7.06
C VAL A 91 12.59 -3.16 6.28
N LEU A 92 13.01 -2.72 5.07
CA LEU A 92 12.20 -1.79 4.27
C LEU A 92 10.87 -2.36 3.83
N LEU A 93 10.88 -3.61 3.40
CA LEU A 93 9.64 -4.28 2.96
C LEU A 93 8.66 -4.49 4.11
N LYS A 94 9.16 -4.96 5.25
CA LYS A 94 8.29 -5.20 6.41
C LYS A 94 7.71 -3.91 6.95
N SER A 95 8.52 -2.83 7.06
CA SER A 95 8.01 -1.56 7.59
C SER A 95 7.04 -0.86 6.60
N SER A 96 7.29 -0.94 5.29
CA SER A 96 6.42 -0.27 4.32
C SER A 96 5.21 -1.05 3.83
N ALA A 97 5.18 -2.40 4.02
CA ALA A 97 4.15 -3.26 3.43
C ALA A 97 2.71 -2.71 3.48
N ILE A 98 2.20 -2.38 4.66
CA ILE A 98 0.83 -1.86 4.73
C ILE A 98 0.67 -0.52 4.01
N GLU A 99 1.70 0.33 4.05
CA GLU A 99 1.64 1.65 3.39
C GLU A 99 1.59 1.47 1.87
N VAL A 100 2.40 0.53 1.31
CA VAL A 100 2.40 0.29 -0.13
C VAL A 100 1.08 -0.34 -0.58
N ILE A 101 0.51 -1.24 0.25
CA ILE A 101 -0.80 -1.83 -0.03
C ILE A 101 -1.87 -0.72 -0.12
N MET A 102 -1.86 0.25 0.85
CA MET A 102 -2.78 1.38 0.85
C MET A 102 -2.59 2.22 -0.42
N LEU A 103 -1.33 2.46 -0.84
CA LEU A 103 -1.07 3.21 -2.08
C LEU A 103 -1.57 2.48 -3.32
N ARG A 104 -1.21 1.20 -3.46
CA ARG A 104 -1.63 0.44 -4.63
C ARG A 104 -3.13 0.21 -4.73
N SER A 105 -3.85 0.10 -3.58
CA SER A 105 -5.31 -0.07 -3.53
C SER A 105 -6.03 1.15 -4.07
N ASN A 106 -5.33 2.29 -4.15
CA ASN A 106 -5.96 3.51 -4.69
C ASN A 106 -6.42 3.31 -6.14
N GLU A 107 -5.74 2.41 -6.88
CA GLU A 107 -6.07 2.12 -8.26
C GLU A 107 -7.45 1.47 -8.38
N SER A 108 -7.90 0.66 -7.36
CA SER A 108 -9.24 0.05 -7.44
C SER A 108 -10.26 0.95 -6.74
N PHE A 109 -9.76 1.81 -5.85
CA PHE A 109 -10.62 2.76 -5.13
C PHE A 109 -11.39 3.66 -6.11
N THR A 110 -12.70 3.82 -5.85
CA THR A 110 -13.54 4.73 -6.66
C THR A 110 -14.30 5.69 -5.77
N MET A 111 -14.37 6.94 -6.21
CA MET A 111 -15.14 7.95 -5.50
C MET A 111 -16.61 7.90 -5.87
N ASP A 112 -16.98 7.02 -6.80
CA ASP A 112 -18.37 6.83 -7.21
C ASP A 112 -19.23 6.40 -6.00
N ASP A 113 -18.69 5.51 -5.15
CA ASP A 113 -19.39 4.99 -3.96
C ASP A 113 -18.46 4.72 -2.76
N MET A 114 -17.22 5.26 -2.81
CA MET A 114 -16.21 5.14 -1.74
C MET A 114 -15.90 3.67 -1.43
N SER A 115 -15.73 2.88 -2.47
CA SER A 115 -15.42 1.47 -2.36
C SER A 115 -14.18 1.14 -3.18
N TRP A 116 -13.65 -0.07 -2.99
CA TRP A 116 -12.56 -0.63 -3.76
C TRP A 116 -13.24 -1.65 -4.68
N THR A 117 -13.46 -1.27 -5.93
CA THR A 117 -14.16 -2.13 -6.89
C THR A 117 -13.18 -3.06 -7.62
N CYS A 118 -13.09 -4.32 -7.15
CA CYS A 118 -12.18 -5.30 -7.76
C CYS A 118 -12.88 -6.43 -8.52
N GLY A 119 -13.99 -6.09 -9.15
CA GLY A 119 -14.76 -7.04 -9.95
C GLY A 119 -16.24 -6.95 -9.64
N ASN A 120 -16.88 -8.12 -9.52
CA ASN A 120 -18.31 -8.18 -9.22
C ASN A 120 -18.58 -7.79 -7.76
N GLN A 121 -19.85 -7.88 -7.35
CA GLN A 121 -20.33 -7.57 -6.00
C GLN A 121 -19.52 -8.27 -4.91
N ASP A 122 -19.03 -9.51 -5.16
CA ASP A 122 -18.24 -10.26 -4.17
C ASP A 122 -16.89 -9.60 -3.92
N TYR A 123 -16.28 -9.02 -4.97
CA TYR A 123 -14.99 -8.35 -4.82
C TYR A 123 -15.09 -6.83 -4.81
N LYS A 124 -16.23 -6.29 -4.37
CA LYS A 124 -16.37 -4.85 -4.17
C LYS A 124 -16.23 -4.69 -2.66
N TYR A 125 -15.13 -4.08 -2.22
CA TYR A 125 -14.82 -3.93 -0.79
C TYR A 125 -15.21 -2.55 -0.28
N ARG A 126 -15.80 -2.49 0.91
CA ARG A 126 -16.19 -1.25 1.56
C ARG A 126 -15.64 -1.22 2.99
N VAL A 127 -15.83 -0.09 3.70
CA VAL A 127 -15.48 0.17 5.10
C VAL A 127 -16.02 -0.97 5.98
N SER A 128 -17.27 -1.39 5.70
CA SER A 128 -17.97 -2.43 6.43
C SER A 128 -17.24 -3.77 6.36
N ASP A 129 -16.50 -4.04 5.25
CA ASP A 129 -15.70 -5.26 5.13
C ASP A 129 -14.48 -5.21 6.02
N VAL A 130 -13.87 -4.01 6.15
CA VAL A 130 -12.68 -3.81 6.98
C VAL A 130 -13.07 -3.95 8.48
N THR A 131 -14.29 -3.52 8.86
CA THR A 131 -14.82 -3.69 10.24
C THR A 131 -15.10 -5.18 10.49
N LYS A 132 -15.55 -5.90 9.46
CA LYS A 132 -15.83 -7.36 9.54
C LYS A 132 -14.54 -8.17 9.62
N ALA A 133 -13.36 -7.51 9.44
CA ALA A 133 -12.06 -8.15 9.61
C ALA A 133 -11.45 -7.84 11.00
N GLY A 134 -12.21 -7.15 11.86
CA GLY A 134 -11.77 -6.81 13.22
C GLY A 134 -11.15 -5.44 13.42
N HIS A 135 -11.22 -4.54 12.42
CA HIS A 135 -10.66 -3.19 12.54
C HIS A 135 -11.68 -2.18 13.07
N SER A 136 -11.22 -1.06 13.62
CA SER A 136 -12.12 -0.05 14.16
C SER A 136 -12.07 1.24 13.33
N LEU A 137 -13.00 2.16 13.61
CA LEU A 137 -13.13 3.45 12.92
C LEU A 137 -11.88 4.32 13.00
N GLU A 138 -11.04 4.14 14.06
CA GLU A 138 -9.77 4.86 14.23
C GLU A 138 -8.82 4.59 13.06
N LEU A 139 -8.91 3.41 12.41
CA LEU A 139 -8.12 3.12 11.22
C LEU A 139 -8.94 3.48 9.97
N ILE A 140 -10.20 3.03 9.92
CA ILE A 140 -11.12 3.23 8.78
C ILE A 140 -11.36 4.67 8.30
N GLU A 141 -11.71 5.58 9.22
CA GLU A 141 -11.98 6.98 8.87
C GLU A 141 -10.75 7.65 8.25
N PRO A 142 -9.53 7.62 8.87
CA PRO A 142 -8.36 8.24 8.18
C PRO A 142 -7.97 7.50 6.88
N LEU A 143 -8.26 6.19 6.80
CA LEU A 143 -7.97 5.36 5.62
C LEU A 143 -8.82 5.90 4.44
N ILE A 144 -10.14 6.13 4.64
CA ILE A 144 -10.98 6.63 3.54
C ILE A 144 -10.56 8.07 3.15
N LYS A 145 -10.23 8.90 4.15
CA LYS A 145 -9.77 10.29 3.94
C LYS A 145 -8.48 10.29 3.07
N PHE A 146 -7.57 9.38 3.39
CA PHE A 146 -6.34 9.22 2.64
C PHE A 146 -6.64 8.79 1.19
N GLN A 147 -7.56 7.84 1.00
CA GLN A 147 -7.91 7.34 -0.35
C GLN A 147 -8.50 8.43 -1.21
N VAL A 148 -9.44 9.21 -0.65
CA VAL A 148 -10.05 10.31 -1.38
C VAL A 148 -9.01 11.39 -1.73
N GLY A 149 -8.19 11.80 -0.76
CA GLY A 149 -7.16 12.82 -0.97
C GLY A 149 -6.16 12.40 -2.05
N LEU A 150 -5.77 11.11 -2.04
CA LEU A 150 -4.85 10.55 -3.03
C LEU A 150 -5.51 10.46 -4.40
N LYS A 151 -6.76 9.98 -4.46
CA LYS A 151 -7.53 9.92 -5.72
C LYS A 151 -7.58 11.29 -6.39
N LYS A 152 -7.84 12.34 -5.58
CA LYS A 152 -7.99 13.73 -6.07
C LYS A 152 -6.72 14.33 -6.62
N LEU A 153 -5.55 13.72 -6.34
CA LEU A 153 -4.30 14.24 -6.91
C LEU A 153 -4.21 13.92 -8.40
N ASN A 154 -5.06 12.97 -8.91
CA ASN A 154 -5.13 12.52 -10.32
C ASN A 154 -3.72 12.24 -10.81
N LEU A 155 -3.01 11.40 -10.07
CA LEU A 155 -1.63 11.11 -10.41
C LEU A 155 -1.50 10.40 -11.73
N HIS A 156 -0.47 10.73 -12.50
CA HIS A 156 -0.14 10.00 -13.70
C HIS A 156 0.43 8.66 -13.16
N GLU A 157 0.37 7.60 -13.97
CA GLU A 157 0.92 6.32 -13.57
C GLU A 157 2.39 6.44 -13.15
N GLU A 158 3.17 7.29 -13.88
CA GLU A 158 4.58 7.53 -13.58
C GLU A 158 4.77 8.04 -12.13
N GLU A 159 3.89 8.94 -11.69
CA GLU A 159 3.93 9.54 -10.36
C GLU A 159 3.51 8.53 -9.30
N HIS A 160 2.50 7.73 -9.60
CA HIS A 160 1.99 6.71 -8.67
C HIS A 160 3.09 5.66 -8.37
N VAL A 161 3.75 5.16 -9.42
CA VAL A 161 4.82 4.15 -9.25
C VAL A 161 6.04 4.77 -8.53
N LEU A 162 6.35 6.05 -8.83
CA LEU A 162 7.50 6.67 -8.16
C LEU A 162 7.16 6.85 -6.68
N LEU A 163 5.93 7.21 -6.37
CA LEU A 163 5.48 7.38 -4.97
C LEU A 163 5.62 6.08 -4.18
N MET A 164 5.20 4.92 -4.77
CA MET A 164 5.34 3.62 -4.10
C MET A 164 6.83 3.27 -3.90
N ALA A 165 7.68 3.58 -4.90
CA ALA A 165 9.11 3.30 -4.81
C ALA A 165 9.74 4.17 -3.69
N ILE A 166 9.40 5.46 -3.65
CA ILE A 166 9.90 6.39 -2.60
C ILE A 166 9.46 5.89 -1.22
N CYS A 167 8.21 5.41 -1.12
CA CYS A 167 7.66 4.87 0.12
C CYS A 167 8.49 3.70 0.66
N ILE A 168 8.80 2.74 -0.20
CA ILE A 168 9.59 1.55 0.16
C ILE A 168 11.01 1.95 0.59
N VAL A 169 11.71 2.70 -0.26
CA VAL A 169 13.10 3.09 -0.05
C VAL A 169 13.19 4.33 0.88
N SER A 170 12.80 4.18 2.14
CA SER A 170 12.78 5.27 3.12
C SER A 170 13.92 5.09 4.13
N PRO A 171 14.84 6.05 4.26
CA PRO A 171 15.99 5.86 5.17
C PRO A 171 15.63 5.94 6.65
N ASP A 172 14.46 6.51 6.98
CA ASP A 172 13.98 6.70 8.34
C ASP A 172 12.99 5.61 8.78
N ARG A 173 13.36 4.35 8.58
CA ARG A 173 12.55 3.23 9.03
C ARG A 173 13.34 2.64 10.17
N PRO A 174 12.70 2.21 11.28
CA PRO A 174 13.47 1.64 12.39
C PRO A 174 14.18 0.33 12.02
N GLY A 175 15.43 0.19 12.46
CA GLY A 175 16.22 -1.01 12.20
C GLY A 175 17.07 -0.99 10.95
N VAL A 176 17.02 0.10 10.16
CA VAL A 176 17.85 0.20 8.95
C VAL A 176 19.33 0.36 9.37
N GLN A 177 20.24 -0.21 8.59
CA GLN A 177 21.66 -0.11 8.89
C GLN A 177 22.29 0.94 8.01
N ASP A 178 22.29 0.71 6.69
CA ASP A 178 22.89 1.68 5.77
C ASP A 178 21.90 2.73 5.31
N ALA A 179 21.50 3.62 6.22
CA ALA A 179 20.57 4.71 5.96
C ALA A 179 21.06 5.64 4.84
N ALA A 180 22.41 5.92 4.78
CA ALA A 180 22.97 6.78 3.72
C ALA A 180 22.74 6.19 2.31
N LEU A 181 22.93 4.86 2.13
CA LEU A 181 22.70 4.19 0.84
C LEU A 181 21.20 4.29 0.47
N ILE A 182 20.33 3.99 1.43
CA ILE A 182 18.85 4.08 1.24
C ILE A 182 18.45 5.49 0.83
N GLU A 183 19.01 6.50 1.52
CA GLU A 183 18.75 7.90 1.23
C GLU A 183 19.22 8.26 -0.18
N ALA A 184 20.41 7.78 -0.57
CA ALA A 184 20.94 8.02 -1.92
C ALA A 184 19.98 7.46 -2.98
N ILE A 185 19.47 6.23 -2.79
CA ILE A 185 18.50 5.59 -3.71
C ILE A 185 17.19 6.39 -3.74
N GLN A 186 16.71 6.79 -2.56
CA GLN A 186 15.47 7.57 -2.48
C GLN A 186 15.60 8.92 -3.15
N ASP A 187 16.77 9.61 -2.97
CA ASP A 187 16.99 10.92 -3.59
C ASP A 187 16.97 10.84 -5.11
N ARG A 188 17.53 9.74 -5.66
CA ARG A 188 17.52 9.49 -7.11
C ARG A 188 16.06 9.37 -7.58
N LEU A 189 15.22 8.67 -6.78
CA LEU A 189 13.80 8.51 -7.09
C LEU A 189 13.04 9.80 -6.90
N SER A 190 13.32 10.53 -5.81
CA SER A 190 12.66 11.82 -5.51
C SER A 190 12.96 12.88 -6.57
N ASN A 191 14.22 12.95 -7.02
CA ASN A 191 14.63 13.92 -8.05
C ASN A 191 13.95 13.62 -9.37
N THR A 192 13.83 12.32 -9.71
CA THR A 192 13.12 11.88 -10.92
C THR A 192 11.67 12.35 -10.83
N LEU A 193 11.03 12.12 -9.65
CA LEU A 193 9.64 12.53 -9.45
C LEU A 193 9.48 14.05 -9.56
N GLN A 194 10.35 14.79 -8.85
CA GLN A 194 10.29 16.25 -8.87
C GLN A 194 10.47 16.80 -10.32
N THR A 195 11.46 16.27 -11.06
CA THR A 195 11.73 16.67 -12.46
C THR A 195 10.54 16.32 -13.36
N TYR A 196 9.98 15.10 -13.19
CA TYR A 196 8.83 14.63 -13.95
C TYR A 196 7.65 15.58 -13.77
N ILE A 197 7.28 15.89 -12.51
CA ILE A 197 6.13 16.79 -12.25
C ILE A 197 6.30 18.18 -12.95
N ARG A 198 7.48 18.80 -12.79
CA ARG A 198 7.76 20.12 -13.35
C ARG A 198 7.77 20.13 -14.86
N CYS A 199 8.25 19.05 -15.46
CA CYS A 199 8.30 19.02 -16.91
C CYS A 199 7.17 18.27 -17.65
N ARG A 200 6.32 17.50 -16.93
CA ARG A 200 5.24 16.73 -17.57
C ARG A 200 3.83 16.92 -17.02
N HIS A 201 3.70 17.38 -15.76
CA HIS A 201 2.38 17.54 -15.16
C HIS A 201 1.79 18.91 -15.52
N PRO A 202 0.69 18.93 -16.32
CA PRO A 202 0.13 20.23 -16.74
C PRO A 202 -0.66 20.95 -15.65
N PRO A 203 -0.72 22.31 -15.67
CA PRO A 203 -1.50 23.03 -14.64
C PRO A 203 -3.02 22.91 -14.83
N PRO A 204 -3.86 23.09 -13.77
CA PRO A 204 -3.50 23.35 -12.37
C PRO A 204 -2.97 22.08 -11.69
N LEU A 208 2.80 22.57 -6.50
CA LEU A 208 2.35 22.17 -5.18
C LEU A 208 2.09 20.65 -5.13
N LEU A 209 2.07 19.99 -6.32
CA LEU A 209 1.82 18.54 -6.37
C LEU A 209 2.86 17.75 -5.58
N TYR A 210 4.19 18.00 -5.77
CA TYR A 210 5.23 17.30 -5.03
C TYR A 210 5.04 17.38 -3.50
N ALA A 211 4.75 18.59 -2.97
CA ALA A 211 4.55 18.75 -1.52
C ALA A 211 3.31 17.95 -1.02
N LYS A 212 2.24 17.86 -1.85
CA LYS A 212 1.01 17.12 -1.53
C LYS A 212 1.32 15.63 -1.47
N MET A 213 2.20 15.16 -2.38
CA MET A 213 2.63 13.76 -2.46
C MET A 213 3.47 13.38 -1.24
N ILE A 214 4.38 14.26 -0.83
CA ILE A 214 5.23 14.11 0.37
C ILE A 214 4.33 14.04 1.59
N GLN A 215 3.26 14.87 1.64
CA GLN A 215 2.30 14.84 2.73
C GLN A 215 1.61 13.48 2.84
N LYS A 216 1.28 12.83 1.68
CA LYS A 216 0.64 11.51 1.65
C LYS A 216 1.55 10.48 2.29
N LEU A 217 2.86 10.60 2.05
CA LEU A 217 3.85 9.73 2.69
C LEU A 217 3.80 9.93 4.22
N ALA A 218 3.64 11.17 4.70
CA ALA A 218 3.55 11.37 6.16
C ALA A 218 2.25 10.76 6.70
N ASP A 219 1.11 10.92 5.98
CA ASP A 219 -0.21 10.35 6.34
C ASP A 219 -0.12 8.83 6.46
N LEU A 220 0.61 8.20 5.52
CA LEU A 220 0.83 6.76 5.51
C LEU A 220 1.54 6.29 6.80
N ARG A 221 2.48 7.10 7.35
CA ARG A 221 3.18 6.77 8.59
C ARG A 221 2.20 6.67 9.72
N SER A 222 1.22 7.60 9.79
CA SER A 222 0.19 7.60 10.85
C SER A 222 -0.70 6.39 10.69
N LEU A 223 -1.10 6.07 9.45
CA LEU A 223 -1.97 4.92 9.19
C LEU A 223 -1.27 3.62 9.54
N ASN A 224 0.04 3.54 9.25
CA ASN A 224 0.88 2.38 9.54
C ASN A 224 0.85 2.16 11.06
N GLU A 225 1.08 3.22 11.85
CA GLU A 225 1.07 3.15 13.32
C GLU A 225 -0.28 2.70 13.85
N GLU A 226 -1.39 3.23 13.29
CA GLU A 226 -2.72 2.84 13.70
C GLU A 226 -3.00 1.39 13.32
N HIS A 227 -2.61 0.98 12.09
CA HIS A 227 -2.80 -0.41 11.66
C HIS A 227 -2.06 -1.37 12.59
N SER A 228 -0.81 -1.04 12.99
CA SER A 228 0.00 -1.88 13.88
C SER A 228 -0.70 -2.12 15.22
N LYS A 229 -1.29 -1.07 15.83
CA LYS A 229 -2.01 -1.14 17.10
C LYS A 229 -3.24 -2.06 16.97
N GLN A 230 -3.96 -1.90 15.86
CA GLN A 230 -5.16 -2.68 15.60
C GLN A 230 -4.83 -4.14 15.30
N TYR A 231 -3.74 -4.40 14.59
CA TYR A 231 -3.27 -5.75 14.32
C TYR A 231 -2.96 -6.43 15.67
N ARG A 232 -2.26 -5.70 16.59
CA ARG A 232 -1.93 -6.25 17.93
C ARG A 232 -3.23 -6.70 18.63
N CYS A 233 -4.28 -5.85 18.66
CA CYS A 233 -5.58 -6.21 19.27
C CYS A 233 -6.14 -7.44 18.59
N LEU A 234 -6.13 -7.44 17.25
CA LEU A 234 -6.65 -8.56 16.48
C LEU A 234 -5.87 -9.85 16.81
N SER A 235 -4.55 -9.77 17.03
CA SER A 235 -3.75 -10.95 17.35
C SER A 235 -4.15 -11.60 18.69
N PHE A 236 -4.80 -10.83 19.60
CA PHE A 236 -5.24 -11.37 20.90
C PHE A 236 -6.47 -12.26 20.78
N GLN A 237 -7.16 -12.22 19.61
CA GLN A 237 -8.39 -13.00 19.41
C GLN A 237 -8.02 -14.49 19.25
N PRO A 238 -8.50 -15.39 20.12
CA PRO A 238 -8.14 -16.82 19.99
C PRO A 238 -8.47 -17.36 18.59
N GLU A 239 -7.60 -18.21 18.04
CA GLU A 239 -7.76 -18.81 16.69
C GLU A 239 -7.57 -17.81 15.53
N CYS A 240 -7.17 -16.55 15.82
CA CYS A 240 -6.92 -15.54 14.79
C CYS A 240 -5.86 -15.99 13.78
N SER A 241 -4.74 -16.59 14.25
CA SER A 241 -3.63 -17.03 13.39
C SER A 241 -4.04 -17.87 12.18
N MET A 242 -5.00 -18.79 12.35
CA MET A 242 -5.55 -19.68 11.31
C MET A 242 -6.26 -18.85 10.24
N LYS A 243 -6.83 -17.70 10.63
CA LYS A 243 -7.52 -16.81 9.69
C LYS A 243 -6.54 -15.93 8.90
N LEU A 244 -5.23 -15.96 9.26
CA LEU A 244 -4.20 -15.17 8.60
C LEU A 244 -3.41 -16.05 7.65
N THR A 245 -2.14 -15.71 7.38
CA THR A 245 -1.21 -16.50 6.56
C THR A 245 0.13 -16.41 7.22
N PRO A 246 1.07 -17.35 6.95
CA PRO A 246 2.42 -17.22 7.51
C PRO A 246 3.10 -15.90 7.14
N LEU A 247 2.86 -15.39 5.91
CA LEU A 247 3.48 -14.14 5.46
C LEU A 247 2.96 -12.94 6.22
N VAL A 248 1.64 -12.88 6.45
CA VAL A 248 0.99 -11.82 7.20
C VAL A 248 1.50 -11.87 8.65
N LEU A 249 1.63 -13.09 9.20
CA LEU A 249 2.08 -13.29 10.59
C LEU A 249 3.48 -12.78 10.82
N GLU A 250 4.37 -13.02 9.87
CA GLU A 250 5.75 -12.56 9.91
C GLU A 250 5.85 -11.04 9.70
N VAL A 251 5.20 -10.52 8.64
CA VAL A 251 5.27 -9.08 8.32
C VAL A 251 4.73 -8.21 9.48
N PHE A 252 3.57 -8.57 10.02
CA PHE A 252 2.91 -7.77 11.07
C PHE A 252 3.17 -8.19 12.50
N GLY A 253 3.73 -9.38 12.68
CA GLY A 253 4.03 -9.88 14.02
C GLY A 253 5.27 -9.25 14.63
#